data_1PHO
#
_entry.id   1PHO
#
_cell.length_a   119.900
_cell.length_b   119.900
_cell.length_c   51.900
_cell.angle_alpha   90.00
_cell.angle_beta   90.00
_cell.angle_gamma   120.00
#
_symmetry.space_group_name_H-M   'P 3 2 1'
#
_entity_poly.entity_id   1
_entity_poly.type   'polypeptide(L)'
_entity_poly.pdbx_seq_one_letter_code
;AEIYNKDGNKLDVYGKVKAMHYMSDNASKDGDQSYIRFGFKGETQINDQLTGYGRWEAEFAGNKAESDTAQQKTRLAFAG
LKYKDLGSFDYGRNLGALYDVEAWTDMFPEFGGDSSAQTDNFMTKRASGLATYRNTDFFGVIDGLNLTLQYQGKNENRDV
KKQNGDGFGTSLTYDFGGSDFAISGAYTNSDRTNEQNLQSRGTGKRAEAWATGLKYDANNIYLATFYSETRKMTPITGGF
ANKTQNFEAVAQYQFDFGLRPSLGYVLSKGKDIEGIGDEDLVNYIDVGATYYFNKNMSAFVDYKINQLDSDNKLNINNDD
IVAVGMTYQF
;
_entity_poly.pdbx_strand_id   A
#
# COMPACT_ATOMS: atom_id res chain seq x y z
N ALA A 1 9.11 -4.00 -19.28
CA ALA A 1 9.30 -4.28 -20.68
C ALA A 1 9.58 -5.77 -20.79
N GLU A 2 8.71 -6.44 -21.54
CA GLU A 2 8.78 -7.88 -21.82
C GLU A 2 10.04 -8.26 -22.57
N ILE A 3 11.16 -8.48 -21.88
CA ILE A 3 12.33 -8.78 -22.65
C ILE A 3 12.38 -10.24 -23.09
N TYR A 4 11.46 -11.21 -22.88
CA TYR A 4 11.61 -12.63 -23.27
C TYR A 4 10.28 -13.29 -23.49
N ASN A 5 9.88 -13.82 -24.64
CA ASN A 5 8.53 -14.42 -24.74
C ASN A 5 8.70 -15.62 -25.62
N LYS A 6 9.26 -16.66 -25.08
CA LYS A 6 9.67 -17.79 -25.86
C LYS A 6 9.50 -19.10 -25.09
N ASP A 7 9.12 -20.15 -25.86
CA ASP A 7 8.81 -21.50 -25.41
C ASP A 7 7.93 -21.60 -24.15
N GLY A 8 6.86 -20.78 -24.11
CA GLY A 8 6.00 -20.71 -22.95
C GLY A 8 6.64 -20.09 -21.70
N ASN A 9 7.37 -18.99 -21.88
CA ASN A 9 7.89 -18.25 -20.74
C ASN A 9 8.03 -16.74 -21.02
N LYS A 10 7.47 -15.77 -20.25
CA LYS A 10 7.51 -14.33 -20.51
C LYS A 10 8.13 -13.57 -19.35
N LEU A 11 9.38 -13.21 -19.61
CA LEU A 11 10.18 -12.39 -18.72
C LEU A 11 9.95 -10.96 -19.13
N ASP A 12 9.79 -10.28 -18.02
CA ASP A 12 9.39 -8.92 -18.01
C ASP A 12 10.26 -8.23 -16.98
N VAL A 13 11.23 -7.43 -17.46
CA VAL A 13 12.17 -6.66 -16.65
C VAL A 13 11.58 -5.27 -16.53
N TYR A 14 11.33 -4.72 -15.33
CA TYR A 14 10.75 -3.42 -15.23
C TYR A 14 11.54 -2.58 -14.30
N GLY A 15 11.27 -1.27 -14.31
CA GLY A 15 11.95 -0.41 -13.36
C GLY A 15 11.73 1.09 -13.44
N LYS A 16 12.03 1.87 -12.37
CA LYS A 16 11.81 3.30 -12.47
C LYS A 16 12.73 4.19 -11.67
N VAL A 17 13.32 5.14 -12.35
CA VAL A 17 14.14 6.12 -11.71
C VAL A 17 13.17 7.24 -11.38
N LYS A 18 12.91 7.40 -10.09
CA LYS A 18 12.15 8.53 -9.67
C LYS A 18 13.06 9.63 -9.11
N ALA A 19 13.74 10.52 -9.89
CA ALA A 19 14.54 11.65 -9.40
C ALA A 19 13.51 12.56 -8.79
N MET A 20 13.78 12.92 -7.55
CA MET A 20 12.74 13.50 -6.78
C MET A 20 13.26 14.28 -5.60
N HIS A 21 12.77 15.51 -5.49
CA HIS A 21 13.19 16.38 -4.40
C HIS A 21 12.10 16.85 -3.42
N TYR A 22 12.31 16.86 -2.13
CA TYR A 22 11.33 17.33 -1.17
C TYR A 22 11.89 18.64 -0.74
N MET A 23 11.02 19.61 -0.72
CA MET A 23 11.39 20.89 -0.15
C MET A 23 10.49 21.05 1.03
N SER A 24 10.95 21.40 2.17
CA SER A 24 10.04 21.30 3.30
C SER A 24 10.84 21.59 4.51
N ASP A 25 10.24 21.39 5.69
CA ASP A 25 11.02 21.28 6.90
C ASP A 25 11.12 19.79 7.24
N ASN A 26 11.62 19.39 8.41
CA ASN A 26 11.92 17.98 8.66
C ASN A 26 10.88 16.95 9.13
N ALA A 27 9.66 16.92 8.58
CA ALA A 27 8.67 15.90 8.96
C ALA A 27 9.09 14.52 8.43
N SER A 28 9.02 14.35 7.11
CA SER A 28 9.52 13.15 6.46
C SER A 28 10.79 13.55 5.68
N LYS A 29 11.47 14.50 6.34
CA LYS A 29 12.67 15.21 5.95
C LYS A 29 12.62 15.92 4.54
N ASP A 30 13.69 16.56 4.07
CA ASP A 30 13.75 17.44 2.91
C ASP A 30 15.07 17.39 2.10
N GLY A 31 14.94 17.53 0.79
CA GLY A 31 16.09 17.32 -0.03
C GLY A 31 15.73 16.11 -0.88
N ASP A 32 16.77 15.49 -1.41
CA ASP A 32 16.58 14.43 -2.39
C ASP A 32 15.85 13.19 -1.86
N GLN A 33 14.85 12.59 -2.53
CA GLN A 33 14.45 11.25 -2.06
C GLN A 33 14.16 10.50 -3.34
N SER A 34 15.07 10.63 -4.29
CA SER A 34 14.88 9.85 -5.51
C SER A 34 15.27 8.39 -5.30
N TYR A 35 14.67 7.46 -6.03
CA TYR A 35 14.99 6.06 -5.88
C TYR A 35 14.78 5.44 -7.20
N ILE A 36 15.21 4.21 -7.27
CA ILE A 36 15.21 3.44 -8.48
C ILE A 36 14.36 2.23 -8.15
N ARG A 37 13.54 1.69 -9.06
CA ARG A 37 12.92 0.39 -8.83
C ARG A 37 13.45 -0.60 -9.86
N PHE A 38 13.37 -1.89 -9.57
CA PHE A 38 13.85 -2.88 -10.50
C PHE A 38 13.08 -4.15 -10.16
N GLY A 39 12.58 -4.78 -11.21
CA GLY A 39 11.89 -6.01 -10.95
C GLY A 39 11.78 -6.90 -12.16
N PHE A 40 11.89 -8.20 -11.96
CA PHE A 40 11.43 -9.01 -13.08
C PHE A 40 10.04 -9.53 -12.65
N LYS A 41 9.50 -10.37 -13.56
CA LYS A 41 8.33 -11.23 -13.36
C LYS A 41 8.18 -12.21 -14.52
N GLY A 42 8.06 -13.51 -14.15
CA GLY A 42 7.88 -14.52 -15.16
C GLY A 42 6.48 -15.02 -15.13
N GLU A 43 6.11 -15.72 -16.18
CA GLU A 43 4.86 -16.42 -16.14
C GLU A 43 5.11 -17.71 -16.91
N THR A 44 5.54 -18.84 -16.30
CA THR A 44 5.61 -20.00 -17.19
C THR A 44 4.26 -20.64 -17.36
N GLN A 45 3.92 -21.02 -18.60
CA GLN A 45 2.68 -21.74 -18.84
C GLN A 45 2.87 -23.28 -18.88
N ILE A 46 2.48 -24.02 -17.82
CA ILE A 46 2.63 -25.45 -17.76
C ILE A 46 1.70 -26.00 -18.82
N ASN A 47 0.43 -26.07 -18.49
CA ASN A 47 -0.52 -26.60 -19.46
C ASN A 47 -1.39 -25.48 -20.00
N ASP A 48 -2.25 -25.74 -21.03
CA ASP A 48 -3.21 -24.74 -21.54
C ASP A 48 -4.10 -24.21 -20.41
N GLN A 49 -4.34 -24.98 -19.32
CA GLN A 49 -5.09 -24.44 -18.18
C GLN A 49 -4.25 -23.94 -17.01
N LEU A 50 -2.97 -24.30 -16.83
CA LEU A 50 -2.24 -23.84 -15.67
C LEU A 50 -1.06 -22.98 -16.02
N THR A 51 -0.71 -22.16 -15.05
CA THR A 51 0.32 -21.14 -15.11
C THR A 51 0.94 -20.91 -13.76
N GLY A 52 2.21 -20.56 -13.84
CA GLY A 52 3.01 -20.26 -12.67
C GLY A 52 3.81 -19.01 -12.95
N TYR A 53 4.14 -18.31 -11.86
CA TYR A 53 4.77 -17.01 -11.97
C TYR A 53 5.65 -16.70 -10.76
N GLY A 54 6.53 -15.73 -10.83
CA GLY A 54 7.30 -15.28 -9.70
C GLY A 54 7.39 -13.81 -9.98
N ARG A 55 7.42 -12.97 -8.98
CA ARG A 55 7.57 -11.56 -9.18
C ARG A 55 8.59 -11.11 -8.18
N TRP A 56 9.41 -10.16 -8.56
CA TRP A 56 10.39 -9.67 -7.62
C TRP A 56 10.51 -8.21 -7.89
N GLU A 57 10.48 -7.45 -6.80
CA GLU A 57 10.65 -6.02 -6.89
C GLU A 57 11.57 -5.49 -5.76
N ALA A 58 12.73 -4.90 -6.05
CA ALA A 58 13.60 -4.37 -5.00
C ALA A 58 13.54 -2.87 -5.06
N GLU A 59 14.35 -2.14 -4.33
CA GLU A 59 14.23 -0.71 -4.36
C GLU A 59 15.51 -0.45 -3.66
N PHE A 60 16.21 0.38 -4.47
CA PHE A 60 17.58 0.81 -4.27
C PHE A 60 17.65 2.32 -4.03
N ALA A 61 18.12 2.87 -2.89
CA ALA A 61 18.25 4.31 -2.64
C ALA A 61 19.04 5.14 -3.68
N GLY A 62 18.64 6.39 -3.86
CA GLY A 62 19.14 7.35 -4.84
C GLY A 62 19.81 8.48 -4.08
N ASN A 63 19.31 8.63 -2.87
CA ASN A 63 19.75 9.76 -2.13
C ASN A 63 20.93 9.63 -1.20
N LYS A 64 21.47 8.43 -0.82
CA LYS A 64 22.57 8.33 0.16
C LYS A 64 24.03 8.60 -0.36
N ALA A 65 25.13 8.85 0.42
CA ALA A 65 26.52 8.85 -0.09
C ALA A 65 26.92 7.47 -0.49
N GLU A 66 27.91 7.05 -1.26
CA GLU A 66 28.08 5.61 -1.57
C GLU A 66 28.74 4.85 -0.43
N SER A 67 29.28 5.63 0.51
CA SER A 67 29.78 5.08 1.73
C SER A 67 28.67 4.52 2.62
N ASP A 68 27.37 4.88 2.45
CA ASP A 68 26.25 4.31 3.20
C ASP A 68 25.62 3.20 2.39
N THR A 69 26.34 2.09 2.31
CA THR A 69 25.86 0.91 1.58
C THR A 69 24.57 0.29 2.21
N ALA A 70 23.96 0.90 3.28
CA ALA A 70 22.60 0.53 3.76
C ALA A 70 21.57 1.13 2.79
N GLN A 71 21.41 0.51 1.59
CA GLN A 71 20.71 1.11 0.47
C GLN A 71 19.70 0.32 -0.24
N GLN A 72 19.75 -1.00 -0.45
CA GLN A 72 18.59 -1.61 -1.13
C GLN A 72 17.62 -2.28 -0.18
N LYS A 73 16.39 -2.59 -0.59
CA LYS A 73 15.40 -3.36 0.18
C LYS A 73 14.40 -3.93 -0.79
N THR A 74 13.88 -5.17 -0.64
CA THR A 74 12.99 -5.85 -1.57
C THR A 74 11.58 -5.46 -1.07
N ARG A 75 10.63 -5.45 -2.02
CA ARG A 75 9.22 -5.07 -1.86
C ARG A 75 8.33 -6.25 -2.11
N LEU A 76 8.53 -6.94 -3.21
CA LEU A 76 7.70 -8.10 -3.50
C LEU A 76 8.56 -9.32 -3.78
N ALA A 77 8.40 -10.44 -3.11
CA ALA A 77 9.00 -11.67 -3.60
C ALA A 77 7.91 -12.76 -3.50
N PHE A 78 7.39 -13.31 -4.60
CA PHE A 78 6.52 -14.44 -4.47
C PHE A 78 6.58 -15.25 -5.74
N ALA A 79 5.79 -16.30 -5.83
CA ALA A 79 5.90 -17.24 -6.91
C ALA A 79 4.74 -18.14 -6.58
N GLY A 80 3.91 -18.43 -7.57
CA GLY A 80 2.72 -19.23 -7.37
C GLY A 80 2.16 -19.75 -8.68
N LEU A 81 1.01 -20.43 -8.54
CA LEU A 81 0.30 -21.00 -9.64
C LEU A 81 -1.15 -20.45 -9.68
N LYS A 82 -1.70 -20.44 -10.89
CA LYS A 82 -3.03 -20.00 -11.19
C LYS A 82 -3.75 -20.98 -12.15
N TYR A 83 -4.88 -21.65 -11.82
CA TYR A 83 -5.49 -22.56 -12.73
C TYR A 83 -6.62 -21.87 -13.44
N LYS A 84 -6.79 -22.07 -14.73
CA LYS A 84 -7.97 -21.59 -15.44
C LYS A 84 -9.28 -22.04 -14.73
N ASP A 85 -9.70 -20.85 -14.37
CA ASP A 85 -10.85 -20.54 -13.59
C ASP A 85 -10.62 -20.84 -12.14
N LEU A 86 -10.37 -22.03 -11.52
CA LEU A 86 -10.08 -22.09 -10.04
C LEU A 86 -9.21 -20.97 -9.30
N GLY A 87 -8.40 -20.04 -9.91
CA GLY A 87 -7.80 -18.93 -9.22
C GLY A 87 -6.38 -19.24 -8.90
N SER A 88 -5.82 -18.32 -8.11
CA SER A 88 -4.41 -18.28 -7.77
C SER A 88 -3.89 -18.30 -6.32
N PHE A 89 -2.88 -19.19 -6.25
CA PHE A 89 -2.24 -19.36 -4.98
C PHE A 89 -0.80 -18.97 -5.16
N ASP A 90 -0.28 -18.28 -4.13
CA ASP A 90 1.11 -17.91 -4.04
C ASP A 90 1.57 -17.70 -2.60
N TYR A 91 2.90 -17.66 -2.40
CA TYR A 91 3.56 -17.41 -1.08
C TYR A 91 4.75 -16.40 -1.19
N GLY A 92 5.16 -15.71 -0.13
CA GLY A 92 6.35 -14.90 -0.26
C GLY A 92 6.06 -13.50 0.20
N ARG A 93 6.86 -12.49 -0.05
CA ARG A 93 6.67 -11.09 0.33
C ARG A 93 5.61 -10.48 -0.52
N ASN A 94 4.47 -10.05 -0.02
CA ASN A 94 3.37 -9.62 -0.89
C ASN A 94 2.54 -8.59 -0.20
N LEU A 95 1.34 -8.35 -0.68
CA LEU A 95 0.41 -7.35 -0.15
C LEU A 95 -0.76 -7.90 0.66
N GLY A 96 -0.86 -7.54 1.94
CA GLY A 96 -1.95 -7.99 2.74
C GLY A 96 -3.34 -7.77 2.15
N ALA A 97 -4.28 -8.19 2.95
CA ALA A 97 -5.61 -8.22 2.43
C ALA A 97 -6.35 -6.93 2.51
N LEU A 98 -6.07 -6.19 3.58
CA LEU A 98 -6.69 -4.87 3.71
C LEU A 98 -6.21 -3.94 2.60
N TYR A 99 -5.03 -4.17 1.98
CA TYR A 99 -4.56 -3.26 1.01
C TYR A 99 -5.34 -3.49 -0.28
N ASP A 100 -6.19 -4.52 -0.38
CA ASP A 100 -7.07 -4.63 -1.54
C ASP A 100 -8.11 -3.49 -1.62
N VAL A 101 -8.20 -2.80 -0.48
CA VAL A 101 -9.10 -1.72 -0.13
C VAL A 101 -8.38 -0.38 -0.21
N GLU A 102 -7.40 -0.26 0.66
CA GLU A 102 -6.66 0.95 0.80
C GLU A 102 -5.97 1.36 -0.47
N ALA A 103 -5.91 0.54 -1.50
CA ALA A 103 -5.25 0.93 -2.74
C ALA A 103 -6.10 1.89 -3.54
N TRP A 104 -7.43 1.72 -3.50
CA TRP A 104 -8.47 2.57 -4.10
C TRP A 104 -8.09 4.07 -4.11
N THR A 105 -7.52 4.62 -2.99
CA THR A 105 -7.08 5.99 -2.81
C THR A 105 -5.60 6.18 -2.55
N ASP A 106 -4.80 5.23 -2.95
CA ASP A 106 -3.37 5.39 -2.78
C ASP A 106 -2.86 5.91 -4.12
N MET A 107 -3.56 6.80 -4.80
CA MET A 107 -3.03 7.18 -6.09
C MET A 107 -2.36 8.57 -6.07
N PHE A 108 -1.80 9.16 -5.00
CA PHE A 108 -1.35 10.55 -5.15
C PHE A 108 -0.13 10.75 -6.07
N PRO A 109 0.46 11.89 -6.45
CA PRO A 109 1.78 11.90 -7.09
C PRO A 109 2.83 11.29 -6.19
N GLU A 110 2.71 11.48 -4.88
CA GLU A 110 3.71 10.95 -4.01
C GLU A 110 3.23 10.52 -2.65
N PHE A 111 2.54 11.43 -1.98
CA PHE A 111 2.05 11.19 -0.63
C PHE A 111 0.91 10.14 -0.57
N GLY A 112 0.28 9.84 0.61
CA GLY A 112 -0.90 8.97 0.73
C GLY A 112 -0.72 7.45 0.98
N GLY A 113 -1.71 6.55 0.94
CA GLY A 113 -1.45 5.20 1.48
C GLY A 113 -0.83 5.30 2.88
N ASP A 114 -1.13 6.35 3.61
CA ASP A 114 -0.44 6.76 4.81
C ASP A 114 -1.20 6.50 6.10
N SER A 115 -2.42 5.96 5.99
CA SER A 115 -3.33 5.94 7.14
C SER A 115 -3.25 4.71 7.97
N SER A 116 -4.09 3.75 7.65
CA SER A 116 -4.16 2.52 8.39
C SER A 116 -3.07 1.58 7.87
N ALA A 117 -2.61 1.86 6.64
CA ALA A 117 -1.60 1.08 5.93
C ALA A 117 -0.11 1.33 6.22
N GLN A 118 0.46 0.70 7.23
CA GLN A 118 1.88 0.74 7.41
C GLN A 118 2.52 -0.48 6.70
N THR A 119 3.72 -0.37 6.14
CA THR A 119 4.42 -1.46 5.47
C THR A 119 4.86 -2.40 6.57
N ASP A 120 4.97 -3.75 6.50
CA ASP A 120 5.39 -4.65 7.59
C ASP A 120 4.82 -4.30 8.95
N ASN A 121 3.51 -4.37 8.87
CA ASN A 121 2.48 -4.13 9.91
C ASN A 121 1.36 -5.06 9.42
N PHE A 122 1.25 -6.17 10.16
CA PHE A 122 0.48 -7.37 9.90
C PHE A 122 -0.35 -7.30 8.64
N MET A 123 -0.13 -7.67 7.38
CA MET A 123 -1.26 -7.56 6.42
C MET A 123 -1.98 -6.24 6.06
N THR A 124 -1.65 -5.10 6.68
CA THR A 124 -2.08 -3.75 6.38
C THR A 124 -1.47 -3.25 5.03
N LYS A 125 -0.14 -3.31 4.69
CA LYS A 125 0.38 -2.81 3.40
C LYS A 125 1.30 -3.83 2.75
N ARG A 126 2.62 -3.73 2.59
CA ARG A 126 3.40 -4.88 2.12
C ARG A 126 3.62 -5.80 3.31
N ALA A 127 4.06 -7.02 3.12
CA ALA A 127 4.08 -7.93 4.23
C ALA A 127 4.81 -9.23 3.93
N SER A 128 5.59 -9.73 4.94
CA SER A 128 6.29 -11.00 4.81
C SER A 128 5.45 -12.21 5.26
N GLY A 129 5.69 -13.41 4.73
CA GLY A 129 5.06 -14.66 5.23
C GLY A 129 3.65 -15.03 4.75
N LEU A 130 3.26 -14.51 3.58
CA LEU A 130 1.89 -14.65 3.10
C LEU A 130 1.51 -15.75 2.12
N ALA A 131 0.70 -16.75 2.50
CA ALA A 131 0.05 -17.65 1.56
C ALA A 131 -1.24 -16.89 1.14
N THR A 132 -1.75 -16.93 -0.10
CA THR A 132 -2.83 -16.08 -0.57
C THR A 132 -3.65 -16.82 -1.62
N TYR A 133 -4.94 -16.98 -1.42
CA TYR A 133 -5.77 -17.54 -2.48
C TYR A 133 -6.63 -16.37 -2.97
N ARG A 134 -6.73 -16.33 -4.28
CA ARG A 134 -7.55 -15.30 -4.83
C ARG A 134 -8.34 -15.94 -5.92
N ASN A 135 -9.63 -15.85 -5.79
CA ASN A 135 -10.58 -16.39 -6.76
C ASN A 135 -11.22 -15.18 -7.41
N THR A 136 -11.66 -15.32 -8.64
CA THR A 136 -12.04 -14.15 -9.39
C THR A 136 -13.20 -14.53 -10.28
N ASP A 137 -14.19 -13.64 -10.27
CA ASP A 137 -15.52 -13.80 -10.89
C ASP A 137 -16.40 -14.86 -10.25
N PHE A 138 -15.88 -15.46 -9.15
CA PHE A 138 -16.41 -16.63 -8.48
C PHE A 138 -16.52 -17.74 -9.49
N PHE A 139 -16.11 -18.94 -9.04
CA PHE A 139 -15.83 -20.09 -9.91
C PHE A 139 -16.67 -20.22 -11.20
N GLY A 140 -18.01 -20.11 -10.92
CA GLY A 140 -19.17 -20.12 -11.85
C GLY A 140 -20.07 -18.88 -11.73
N VAL A 141 -19.59 -18.07 -12.69
CA VAL A 141 -20.21 -16.81 -13.01
C VAL A 141 -20.90 -15.96 -11.89
N ILE A 142 -20.24 -15.43 -10.82
CA ILE A 142 -20.86 -14.23 -10.23
C ILE A 142 -20.04 -13.10 -10.90
N ASP A 143 -19.92 -12.94 -12.26
CA ASP A 143 -18.84 -12.11 -12.86
C ASP A 143 -18.76 -10.78 -12.19
N GLY A 144 -17.59 -10.46 -11.68
CA GLY A 144 -17.44 -9.16 -11.11
C GLY A 144 -16.97 -9.31 -9.74
N LEU A 145 -17.54 -10.25 -9.03
CA LEU A 145 -17.06 -10.50 -7.68
C LEU A 145 -15.58 -10.91 -7.70
N ASN A 146 -14.84 -10.72 -6.62
CA ASN A 146 -13.44 -11.10 -6.61
C ASN A 146 -13.07 -11.48 -5.20
N LEU A 147 -12.35 -12.60 -4.87
CA LEU A 147 -12.16 -13.06 -3.49
C LEU A 147 -10.76 -13.42 -3.08
N THR A 148 -10.44 -13.12 -1.83
CA THR A 148 -9.10 -13.31 -1.32
C THR A 148 -9.16 -13.86 0.08
N LEU A 149 -8.43 -14.96 0.28
CA LEU A 149 -8.21 -15.49 1.60
C LEU A 149 -6.69 -15.54 1.64
N GLN A 150 -6.16 -15.24 2.82
CA GLN A 150 -4.76 -15.12 3.00
C GLN A 150 -4.45 -15.52 4.42
N TYR A 151 -3.28 -16.16 4.65
CA TYR A 151 -2.77 -16.54 5.96
C TYR A 151 -1.39 -15.92 6.18
N GLN A 152 -1.02 -15.35 7.33
CA GLN A 152 0.32 -14.82 7.38
C GLN A 152 1.07 -15.47 8.51
N GLY A 153 2.16 -16.10 8.15
CA GLY A 153 2.95 -16.71 9.19
C GLY A 153 3.50 -15.67 10.10
N LYS A 154 3.62 -16.02 11.40
CA LYS A 154 4.26 -15.24 12.46
C LYS A 154 5.60 -14.64 12.01
N ASN A 155 6.02 -13.44 12.45
CA ASN A 155 7.25 -12.76 12.07
C ASN A 155 7.82 -12.04 13.26
N GLU A 156 8.64 -12.77 13.97
CA GLU A 156 9.10 -12.22 15.17
C GLU A 156 10.58 -12.06 15.21
N ASN A 157 11.23 -12.07 14.06
CA ASN A 157 12.68 -11.83 14.10
C ASN A 157 12.86 -10.36 14.39
N ARG A 158 12.44 -9.59 13.41
CA ARG A 158 12.28 -8.15 13.40
C ARG A 158 11.96 -7.32 14.66
N ASP A 159 12.03 -6.01 14.43
CA ASP A 159 11.73 -5.04 15.48
C ASP A 159 10.34 -5.30 16.04
N VAL A 160 10.13 -4.86 17.29
CA VAL A 160 8.84 -5.09 17.94
C VAL A 160 7.71 -4.39 17.19
N LYS A 161 7.89 -3.23 16.54
CA LYS A 161 6.82 -2.62 15.75
C LYS A 161 6.39 -3.51 14.55
N LYS A 162 7.48 -3.95 13.92
CA LYS A 162 7.48 -4.84 12.79
C LYS A 162 7.04 -6.26 13.11
N GLN A 163 6.89 -6.77 14.33
CA GLN A 163 6.46 -8.16 14.47
C GLN A 163 4.97 -8.51 14.45
N ASN A 164 4.67 -9.82 14.32
CA ASN A 164 3.30 -10.34 14.33
C ASN A 164 3.20 -11.81 14.52
N GLY A 165 2.06 -12.21 15.02
CA GLY A 165 1.85 -13.62 15.18
C GLY A 165 1.16 -14.20 13.95
N ASP A 166 0.71 -15.50 13.97
CA ASP A 166 0.01 -16.10 12.83
C ASP A 166 -1.33 -15.45 12.64
N GLY A 167 -1.84 -15.19 11.44
CA GLY A 167 -3.13 -14.53 11.31
C GLY A 167 -3.90 -14.85 10.03
N PHE A 168 -4.94 -14.08 9.65
CA PHE A 168 -5.82 -14.37 8.51
C PHE A 168 -6.45 -13.08 7.92
N GLY A 169 -6.77 -13.05 6.61
CA GLY A 169 -7.34 -11.86 6.03
C GLY A 169 -8.33 -12.06 4.88
N THR A 170 -9.59 -11.61 4.83
CA THR A 170 -10.39 -11.82 3.61
C THR A 170 -10.62 -10.47 2.91
N SER A 171 -10.94 -10.37 1.62
CA SER A 171 -11.59 -9.17 1.19
C SER A 171 -12.38 -9.49 -0.01
N LEU A 172 -13.44 -8.78 -0.26
CA LEU A 172 -14.07 -8.94 -1.56
C LEU A 172 -14.50 -7.67 -2.28
N THR A 173 -14.71 -7.84 -3.56
CA THR A 173 -14.85 -6.71 -4.43
C THR A 173 -15.89 -7.10 -5.45
N TYR A 174 -16.91 -6.33 -5.78
CA TYR A 174 -17.79 -6.71 -6.86
C TYR A 174 -17.71 -5.55 -7.88
N ASP A 175 -17.43 -5.75 -9.17
CA ASP A 175 -17.39 -4.60 -10.06
C ASP A 175 -18.60 -4.55 -10.98
N PHE A 176 -18.83 -3.39 -11.57
CA PHE A 176 -19.96 -3.16 -12.46
C PHE A 176 -19.59 -1.99 -13.38
N GLY A 177 -20.52 -1.57 -14.24
CA GLY A 177 -20.26 -0.40 -15.04
C GLY A 177 -20.84 -0.34 -16.42
N GLY A 178 -21.61 0.74 -16.56
CA GLY A 178 -21.97 1.22 -17.89
C GLY A 178 -20.72 1.94 -18.43
N SER A 179 -19.97 2.42 -17.43
CA SER A 179 -18.70 3.08 -17.52
C SER A 179 -17.91 2.29 -16.47
N ASP A 180 -17.82 2.65 -15.17
CA ASP A 180 -17.20 1.83 -14.12
C ASP A 180 -17.52 2.28 -12.70
N PHE A 181 -17.86 1.27 -11.92
CA PHE A 181 -18.26 1.27 -10.47
C PHE A 181 -17.92 0.08 -9.49
N ALA A 182 -17.36 0.14 -8.27
CA ALA A 182 -17.07 -1.02 -7.40
C ALA A 182 -17.14 -0.83 -5.89
N ILE A 183 -17.46 -1.78 -5.01
CA ILE A 183 -17.42 -1.52 -3.59
C ILE A 183 -16.50 -2.55 -3.00
N SER A 184 -15.83 -2.44 -1.86
CA SER A 184 -14.90 -3.44 -1.33
C SER A 184 -14.86 -3.49 0.18
N GLY A 185 -14.60 -4.62 0.84
CA GLY A 185 -14.34 -4.58 2.28
C GLY A 185 -13.26 -5.60 2.65
N ALA A 186 -12.46 -5.54 3.71
CA ALA A 186 -11.56 -6.64 4.04
C ALA A 186 -11.54 -6.95 5.54
N TYR A 187 -11.02 -8.08 6.07
CA TYR A 187 -10.91 -8.43 7.49
C TYR A 187 -9.59 -9.10 7.86
N THR A 188 -8.98 -8.68 8.95
CA THR A 188 -7.73 -9.19 9.56
C THR A 188 -7.93 -9.45 11.08
N ASN A 189 -7.35 -10.54 11.59
CA ASN A 189 -7.30 -10.90 13.00
C ASN A 189 -6.05 -11.79 12.98
N SER A 190 -4.92 -11.20 13.34
CA SER A 190 -3.58 -11.77 13.34
C SER A 190 -3.27 -11.80 14.83
N ASP A 191 -3.01 -12.82 15.66
CA ASP A 191 -2.72 -12.45 17.03
C ASP A 191 -1.35 -11.79 17.16
N ARG A 192 -1.23 -10.94 18.15
CA ARG A 192 0.00 -10.24 18.51
C ARG A 192 1.01 -11.21 19.11
N THR A 193 2.25 -11.05 18.77
CA THR A 193 3.39 -11.77 19.28
C THR A 193 3.76 -11.48 20.75
N ASN A 194 4.12 -12.42 21.64
CA ASN A 194 4.42 -12.19 23.08
C ASN A 194 5.34 -11.04 23.51
N GLU A 195 6.48 -10.86 22.83
CA GLU A 195 7.49 -9.83 23.14
C GLU A 195 7.04 -8.37 23.04
N GLN A 196 5.98 -8.20 22.25
CA GLN A 196 5.22 -6.99 21.88
C GLN A 196 4.28 -6.58 22.97
N ASN A 197 3.86 -7.53 23.76
CA ASN A 197 2.96 -7.19 24.82
C ASN A 197 3.76 -6.78 26.11
N LEU A 198 5.10 -6.59 25.99
CA LEU A 198 5.92 -6.01 27.07
C LEU A 198 6.05 -4.49 26.86
N GLN A 199 5.12 -3.95 26.10
CA GLN A 199 5.09 -2.55 25.70
C GLN A 199 4.19 -1.62 26.53
N SER A 200 4.35 -0.31 26.38
CA SER A 200 3.52 0.64 27.12
C SER A 200 2.12 0.71 26.53
N ARG A 201 2.06 0.93 25.20
CA ARG A 201 0.75 1.09 24.55
C ARG A 201 0.22 0.03 23.53
N GLY A 202 -1.12 -0.08 23.74
CA GLY A 202 -2.08 -0.96 23.10
C GLY A 202 -1.81 -2.42 23.39
N THR A 203 -1.50 -2.79 24.64
CA THR A 203 -1.17 -4.18 24.97
C THR A 203 -2.49 -4.98 24.95
N GLY A 204 -2.27 -6.24 24.62
CA GLY A 204 -3.38 -7.10 24.37
C GLY A 204 -3.04 -8.41 23.66
N LYS A 205 -4.10 -8.86 23.04
CA LYS A 205 -4.27 -10.24 22.76
C LYS A 205 -4.32 -10.62 21.31
N ARG A 206 -5.09 -9.85 20.57
CA ARG A 206 -5.30 -10.00 19.15
C ARG A 206 -5.26 -8.60 18.60
N ALA A 207 -5.02 -8.55 17.30
CA ALA A 207 -4.84 -7.32 16.56
C ALA A 207 -5.75 -7.33 15.36
N GLU A 208 -6.88 -6.67 15.34
CA GLU A 208 -7.73 -6.70 14.16
C GLU A 208 -7.79 -5.40 13.44
N ALA A 209 -8.22 -5.56 12.20
CA ALA A 209 -8.47 -4.40 11.35
C ALA A 209 -9.49 -4.75 10.31
N TRP A 210 -10.26 -3.73 9.92
CA TRP A 210 -11.22 -3.95 8.87
C TRP A 210 -11.39 -2.72 8.00
N ALA A 211 -11.82 -2.84 6.73
CA ALA A 211 -11.98 -1.65 5.93
C ALA A 211 -13.11 -1.77 4.95
N THR A 212 -13.44 -0.62 4.39
CA THR A 212 -14.47 -0.53 3.36
C THR A 212 -14.10 0.55 2.35
N GLY A 213 -14.34 0.37 1.04
CA GLY A 213 -13.99 1.32 0.02
C GLY A 213 -15.01 1.41 -1.12
N LEU A 214 -15.25 2.56 -1.76
CA LEU A 214 -16.14 2.63 -2.89
C LEU A 214 -15.36 3.20 -3.99
N LYS A 215 -15.28 2.67 -5.21
CA LYS A 215 -14.63 3.48 -6.22
C LYS A 215 -15.50 3.66 -7.46
N TYR A 216 -15.10 4.70 -8.25
CA TYR A 216 -15.68 5.21 -9.51
C TYR A 216 -14.53 5.66 -10.40
N ASP A 217 -14.38 4.92 -11.47
CA ASP A 217 -13.25 5.12 -12.37
C ASP A 217 -13.79 5.08 -13.78
N ALA A 218 -14.37 6.16 -14.27
CA ALA A 218 -14.89 6.06 -15.60
C ALA A 218 -14.79 7.30 -16.46
N ASN A 219 -14.59 7.21 -17.80
CA ASN A 219 -14.54 8.35 -18.74
C ASN A 219 -13.86 9.60 -18.17
N ASN A 220 -12.69 9.12 -17.77
CA ASN A 220 -11.56 9.84 -17.27
C ASN A 220 -11.65 10.38 -15.86
N ILE A 221 -12.79 10.35 -15.25
CA ILE A 221 -12.76 10.66 -13.84
C ILE A 221 -12.45 9.42 -12.92
N TYR A 222 -11.89 9.72 -11.74
CA TYR A 222 -11.52 8.75 -10.73
C TYR A 222 -11.68 9.36 -9.37
N LEU A 223 -12.52 8.66 -8.69
CA LEU A 223 -12.88 9.05 -7.37
C LEU A 223 -12.85 7.80 -6.53
N ALA A 224 -12.38 7.82 -5.29
CA ALA A 224 -12.48 6.66 -4.43
C ALA A 224 -12.41 7.06 -2.94
N THR A 225 -12.79 6.29 -1.92
CA THR A 225 -12.77 6.71 -0.55
C THR A 225 -12.97 5.44 0.25
N PHE A 226 -12.59 5.38 1.51
CA PHE A 226 -12.63 4.19 2.32
C PHE A 226 -12.51 4.60 3.80
N TYR A 227 -13.07 3.79 4.71
CA TYR A 227 -12.95 3.95 6.15
C TYR A 227 -12.13 2.77 6.59
N SER A 228 -11.53 2.66 7.74
CA SER A 228 -10.74 1.52 8.15
C SER A 228 -10.75 1.58 9.68
N GLU A 229 -10.68 0.50 10.47
CA GLU A 229 -10.49 0.65 11.91
C GLU A 229 -9.48 -0.38 12.32
N THR A 230 -8.59 -0.02 13.26
CA THR A 230 -7.62 -0.99 13.74
C THR A 230 -7.72 -1.12 15.24
N ARG A 231 -7.56 -2.33 15.77
CA ARG A 231 -7.51 -2.50 17.20
C ARG A 231 -6.11 -3.00 17.46
N LYS A 232 -5.29 -2.28 18.25
CA LYS A 232 -3.89 -2.65 18.56
C LYS A 232 -2.95 -3.10 17.42
N MET A 233 -3.05 -2.50 16.27
CA MET A 233 -2.12 -2.80 15.24
C MET A 233 -1.21 -1.61 14.90
N THR A 234 -1.73 -0.39 14.62
CA THR A 234 -0.94 0.78 14.22
C THR A 234 0.05 1.17 15.27
N PRO A 235 1.32 1.01 15.02
CA PRO A 235 2.40 1.60 15.79
C PRO A 235 2.33 3.05 16.35
N ILE A 236 2.48 3.25 17.64
CA ILE A 236 2.41 4.55 18.28
C ILE A 236 3.64 4.80 19.14
N THR A 237 4.04 6.07 19.24
CA THR A 237 5.34 6.41 19.82
C THR A 237 5.29 5.76 21.16
N GLY A 238 4.15 5.75 21.81
CA GLY A 238 4.17 5.02 23.03
C GLY A 238 4.28 3.55 22.70
N GLY A 239 3.29 3.03 22.04
CA GLY A 239 3.28 1.64 21.62
C GLY A 239 1.99 1.55 20.83
N PHE A 240 1.84 0.51 20.04
CA PHE A 240 0.68 0.29 19.15
C PHE A 240 -0.67 0.95 19.53
N ALA A 241 -1.37 1.70 18.69
CA ALA A 241 -2.65 2.35 19.02
C ALA A 241 -3.79 1.37 19.30
N ASN A 242 -4.48 1.64 20.44
CA ASN A 242 -5.56 0.76 20.92
C ASN A 242 -6.64 0.63 19.89
N LYS A 243 -6.98 1.76 19.32
CA LYS A 243 -7.88 1.75 18.21
C LYS A 243 -7.55 2.96 17.34
N THR A 244 -8.09 2.98 16.13
CA THR A 244 -7.95 4.06 15.16
C THR A 244 -9.08 3.93 14.14
N GLN A 245 -9.27 5.05 13.46
CA GLN A 245 -10.31 5.22 12.46
C GLN A 245 -9.63 6.07 11.47
N ASN A 246 -9.76 5.76 10.20
CA ASN A 246 -8.90 6.38 9.23
C ASN A 246 -9.75 6.53 8.00
N PHE A 247 -9.52 7.56 7.24
CA PHE A 247 -10.48 7.83 6.21
C PHE A 247 -9.67 8.35 5.07
N GLU A 248 -9.88 7.92 3.86
CA GLU A 248 -9.09 8.52 2.81
C GLU A 248 -10.01 8.93 1.72
N ALA A 249 -9.78 10.00 0.95
CA ALA A 249 -10.61 10.27 -0.18
C ALA A 249 -9.71 10.77 -1.31
N VAL A 250 -10.12 10.60 -2.59
CA VAL A 250 -9.41 10.95 -3.84
C VAL A 250 -10.26 11.29 -5.09
N ALA A 251 -10.03 12.49 -5.65
CA ALA A 251 -10.68 12.90 -6.86
C ALA A 251 -9.59 13.23 -7.86
N GLN A 252 -9.57 12.62 -9.05
CA GLN A 252 -8.53 12.89 -10.03
C GLN A 252 -9.14 12.93 -11.40
N TYR A 253 -8.58 13.80 -12.23
CA TYR A 253 -9.07 13.97 -13.59
C TYR A 253 -7.92 13.93 -14.56
N GLN A 254 -8.04 13.18 -15.62
CA GLN A 254 -6.94 13.07 -16.52
C GLN A 254 -7.32 13.83 -17.77
N PHE A 255 -6.64 14.91 -18.07
CA PHE A 255 -6.87 15.58 -19.34
C PHE A 255 -6.46 14.82 -20.61
N ASP A 256 -6.83 15.16 -21.86
CA ASP A 256 -6.37 14.41 -23.03
C ASP A 256 -4.86 14.64 -23.25
N PHE A 257 -4.38 15.88 -23.04
CA PHE A 257 -2.98 16.19 -23.28
C PHE A 257 -1.97 15.48 -22.40
N GLY A 258 -2.32 15.24 -21.14
CA GLY A 258 -1.43 14.51 -20.26
C GLY A 258 -1.54 14.94 -18.82
N LEU A 259 -2.06 16.12 -18.54
CA LEU A 259 -2.08 16.51 -17.18
C LEU A 259 -3.16 15.74 -16.43
N ARG A 260 -2.82 15.35 -15.19
CA ARG A 260 -3.68 14.56 -14.30
C ARG A 260 -3.73 15.12 -12.87
N PRO A 261 -4.52 16.13 -12.60
CA PRO A 261 -4.64 16.68 -11.26
C PRO A 261 -5.22 15.64 -10.30
N SER A 262 -4.93 15.74 -8.99
CA SER A 262 -5.40 14.87 -7.90
C SER A 262 -5.66 15.75 -6.70
N LEU A 263 -6.80 15.43 -6.11
CA LEU A 263 -7.15 15.92 -4.79
C LEU A 263 -7.40 14.74 -3.89
N GLY A 264 -6.94 14.87 -2.66
CA GLY A 264 -7.16 13.78 -1.75
C GLY A 264 -7.02 14.28 -0.34
N TYR A 265 -7.44 13.56 0.67
CA TYR A 265 -7.35 14.08 2.02
C TYR A 265 -6.94 12.90 2.92
N VAL A 266 -6.17 12.93 4.01
CA VAL A 266 -5.86 11.72 4.76
C VAL A 266 -6.01 12.09 6.20
N LEU A 267 -6.76 11.29 6.92
CA LEU A 267 -7.06 11.47 8.32
C LEU A 267 -6.83 10.11 9.00
N SER A 268 -6.10 10.08 10.09
CA SER A 268 -5.88 8.89 10.92
C SER A 268 -5.97 9.48 12.33
N LYS A 269 -6.85 8.84 13.13
CA LYS A 269 -7.25 9.36 14.40
C LYS A 269 -7.06 8.35 15.50
N GLY A 270 -6.13 8.66 16.38
CA GLY A 270 -5.78 7.80 17.49
C GLY A 270 -6.91 7.77 18.44
N LYS A 271 -7.18 6.61 19.00
CA LYS A 271 -8.29 6.48 19.90
C LYS A 271 -7.99 5.58 21.11
N ASP A 272 -8.43 6.05 22.29
CA ASP A 272 -8.24 5.47 23.62
C ASP A 272 -6.77 5.24 23.93
N ILE A 273 -5.86 6.11 23.46
CA ILE A 273 -4.43 5.89 23.73
C ILE A 273 -4.16 5.99 25.21
N GLU A 274 -3.39 4.95 25.58
CA GLU A 274 -3.05 4.58 26.92
C GLU A 274 -2.22 5.54 27.75
N GLY A 275 -2.35 6.85 27.59
CA GLY A 275 -1.71 7.81 28.48
C GLY A 275 -1.87 9.24 27.97
N ILE A 276 -2.21 9.32 26.66
CA ILE A 276 -2.39 10.54 25.88
C ILE A 276 -3.83 10.81 25.42
N GLY A 277 -4.88 10.01 25.71
CA GLY A 277 -6.21 10.23 25.15
C GLY A 277 -6.28 10.03 23.62
N ASP A 278 -6.92 10.91 22.87
CA ASP A 278 -6.93 10.66 21.44
C ASP A 278 -6.19 11.74 20.70
N GLU A 279 -4.95 11.58 20.19
CA GLU A 279 -4.45 12.59 19.26
C GLU A 279 -4.63 12.00 17.83
N ASP A 280 -4.65 12.81 16.75
CA ASP A 280 -4.78 12.28 15.40
C ASP A 280 -3.43 11.76 15.00
N LEU A 281 -3.46 10.73 14.22
CA LEU A 281 -2.24 10.25 13.73
C LEU A 281 -1.88 10.85 12.39
N VAL A 282 -2.75 11.17 11.42
CA VAL A 282 -2.33 11.72 10.09
C VAL A 282 -3.35 12.79 9.64
N ASN A 283 -3.09 14.03 9.23
CA ASN A 283 -4.20 14.88 8.87
C ASN A 283 -3.67 15.87 7.90
N TYR A 284 -3.92 15.63 6.64
CA TYR A 284 -3.37 16.54 5.68
C TYR A 284 -4.27 16.48 4.49
N ILE A 285 -4.23 17.56 3.72
CA ILE A 285 -4.83 17.61 2.39
C ILE A 285 -3.63 17.44 1.46
N ASP A 286 -3.81 16.69 0.36
CA ASP A 286 -2.84 16.56 -0.70
C ASP A 286 -3.41 17.21 -1.97
N VAL A 287 -2.70 18.14 -2.64
CA VAL A 287 -3.06 18.83 -3.91
C VAL A 287 -1.88 18.54 -4.83
N GLY A 288 -1.99 18.16 -6.12
CA GLY A 288 -0.78 17.95 -6.89
C GLY A 288 -1.11 17.55 -8.31
N ALA A 289 -0.16 17.07 -9.12
CA ALA A 289 -0.55 16.64 -10.44
C ALA A 289 0.59 15.93 -11.10
N THR A 290 0.44 14.81 -11.87
CA THR A 290 1.58 14.49 -12.76
C THR A 290 1.25 14.83 -14.24
N TYR A 291 2.28 15.14 -15.05
CA TYR A 291 2.11 15.29 -16.48
C TYR A 291 2.74 14.12 -17.19
N TYR A 292 1.90 13.40 -17.93
CA TYR A 292 2.36 12.20 -18.56
C TYR A 292 2.74 12.61 -19.93
N PHE A 293 4.02 12.62 -20.09
CA PHE A 293 4.61 12.83 -21.38
C PHE A 293 4.27 11.62 -22.27
N ASN A 294 4.22 10.40 -21.72
CA ASN A 294 3.82 9.13 -22.33
C ASN A 294 3.84 7.93 -21.34
N LYS A 295 3.80 6.69 -21.81
CA LYS A 295 3.89 5.51 -20.94
C LYS A 295 5.10 5.50 -19.98
N ASN A 296 6.15 6.16 -20.47
CA ASN A 296 7.42 6.06 -19.85
C ASN A 296 7.97 7.19 -19.05
N MET A 297 7.92 8.39 -19.61
CA MET A 297 8.46 9.58 -18.99
C MET A 297 7.34 10.36 -18.33
N SER A 298 7.53 10.96 -17.16
CA SER A 298 6.52 11.85 -16.55
C SER A 298 7.13 12.86 -15.58
N ALA A 299 6.44 13.79 -14.91
CA ALA A 299 7.03 14.81 -14.03
C ALA A 299 5.93 15.23 -13.10
N PHE A 300 6.14 15.68 -11.89
CA PHE A 300 5.01 15.97 -11.03
C PHE A 300 5.26 17.03 -9.98
N VAL A 301 4.26 17.41 -9.23
CA VAL A 301 4.52 18.28 -8.11
C VAL A 301 3.49 17.80 -7.09
N ASP A 302 3.86 17.63 -5.83
CA ASP A 302 2.80 17.26 -4.94
C ASP A 302 2.86 18.18 -3.80
N TYR A 303 1.76 18.41 -3.10
CA TYR A 303 1.91 19.31 -1.95
C TYR A 303 1.19 18.84 -0.70
N LYS A 304 1.87 18.27 0.28
CA LYS A 304 1.12 17.83 1.41
C LYS A 304 0.85 19.04 2.27
N ILE A 305 -0.44 19.32 2.46
CA ILE A 305 -0.81 20.46 3.26
C ILE A 305 -1.11 19.88 4.63
N ASN A 306 -0.15 19.83 5.55
CA ASN A 306 -0.45 19.22 6.83
C ASN A 306 -1.34 20.20 7.49
N GLN A 307 -2.42 19.50 7.87
CA GLN A 307 -3.58 19.93 8.61
C GLN A 307 -3.45 19.52 10.10
N LEU A 308 -2.35 18.93 10.64
CA LEU A 308 -2.23 18.44 12.04
C LEU A 308 -1.88 19.58 12.97
N ASP A 309 -2.28 19.66 14.24
CA ASP A 309 -1.88 20.79 15.07
C ASP A 309 -0.50 20.70 15.73
N SER A 310 -0.07 21.84 16.28
CA SER A 310 1.22 22.00 16.95
C SER A 310 1.25 21.41 18.37
N ASP A 311 0.18 21.61 19.16
CA ASP A 311 0.12 21.13 20.55
C ASP A 311 -0.11 19.62 20.73
N ASN A 312 0.13 18.94 19.63
CA ASN A 312 -0.06 17.50 19.36
C ASN A 312 0.51 16.64 20.43
N LYS A 313 -0.46 16.04 21.10
CA LYS A 313 -0.15 15.21 22.23
C LYS A 313 0.81 14.06 21.93
N LEU A 314 0.86 13.53 20.70
CA LEU A 314 1.88 12.52 20.43
C LEU A 314 3.13 13.08 19.78
N ASN A 315 3.29 14.39 19.92
CA ASN A 315 4.41 15.14 19.36
C ASN A 315 4.80 14.69 17.96
N ILE A 316 3.77 14.67 17.10
CA ILE A 316 3.96 14.43 15.65
C ILE A 316 4.44 15.75 14.90
N ASN A 317 4.16 16.04 13.59
CA ASN A 317 4.81 17.12 12.81
C ASN A 317 3.88 17.63 11.76
N ASN A 318 3.59 18.84 12.19
CA ASN A 318 2.65 19.75 11.58
C ASN A 318 3.21 20.38 10.32
N ASP A 319 4.41 20.00 9.81
CA ASP A 319 5.08 20.61 8.65
C ASP A 319 4.75 20.17 7.25
N ASP A 320 4.32 21.13 6.42
CA ASP A 320 4.02 20.91 5.01
C ASP A 320 5.22 20.34 4.26
N ILE A 321 5.04 19.78 3.07
CA ILE A 321 6.07 19.18 2.27
C ILE A 321 5.54 19.38 0.88
N VAL A 322 6.48 19.61 -0.03
CA VAL A 322 6.21 19.87 -1.43
C VAL A 322 7.25 19.03 -2.20
N ALA A 323 6.78 17.98 -2.85
CA ALA A 323 7.60 17.12 -3.68
C ALA A 323 7.48 17.47 -5.18
N VAL A 324 8.64 17.55 -5.84
CA VAL A 324 8.72 17.85 -7.27
C VAL A 324 9.49 16.80 -8.03
N GLY A 325 9.21 16.31 -9.23
CA GLY A 325 10.09 15.31 -9.79
C GLY A 325 9.75 14.90 -11.20
N MET A 326 10.56 14.01 -11.78
CA MET A 326 10.28 13.38 -13.06
C MET A 326 10.51 11.91 -12.81
N THR A 327 9.80 11.08 -13.52
CA THR A 327 9.86 9.66 -13.29
C THR A 327 10.13 9.04 -14.65
N TYR A 328 11.30 8.39 -14.92
CA TYR A 328 11.49 7.62 -16.16
C TYR A 328 11.21 6.23 -15.65
N GLN A 329 10.62 5.47 -16.53
CA GLN A 329 10.27 4.09 -16.27
C GLN A 329 10.04 3.39 -17.61
N PHE A 330 10.45 2.12 -17.55
CA PHE A 330 10.45 1.20 -18.66
C PHE A 330 9.80 -0.17 -18.34
#